data_4ZEQ
#
_entry.id   4ZEQ
#
_cell.length_a   43.339
_cell.length_b   43.469
_cell.length_c   46.263
_cell.angle_alpha   90.00
_cell.angle_beta   114.21
_cell.angle_gamma   90.00
#
_symmetry.space_group_name_H-M   'P 1 21 1'
#
loop_
_entity.id
_entity.type
_entity.pdbx_description
1 polymer 'Bcl-2-related protein A1'
2 polymer 'BH3-interacting domain death agonist'
3 water water
#
loop_
_entity_poly.entity_id
_entity_poly.type
_entity_poly.pdbx_seq_one_letter_code
_entity_poly.pdbx_strand_id
1 'polypeptide(L)'
;MGHHHHHHSHMTDCEFGYIYRLAQDYLQCVLQIPQPGSGPSKTSRVLQNVAFSVQKEVEKNLKSCLDNVNVVSVDTARTL
FNQVMEKEFEDGIINWGRIVTIFAFEGILIKKLLRQQIAPDVDTYKEISYFVAEFIMNNTGEWIRQNGGWENGFVKKFEP
K
;
A
2 'polypeptide(L)' QEDIIRNIARHLAQVGDSMDRSIPPG B
#
# COMPACT_ATOMS: atom_id res chain seq x y z
N ASP A 13 -4.06 16.32 -6.04
CA ASP A 13 -2.83 15.52 -6.30
C ASP A 13 -1.74 15.91 -5.29
N CYS A 14 -1.24 14.90 -4.57
CA CYS A 14 -0.06 15.05 -3.69
C CYS A 14 -0.29 15.78 -2.34
N GLU A 15 -1.50 16.27 -2.09
CA GLU A 15 -1.89 16.72 -0.76
C GLU A 15 -2.55 15.54 -0.03
N PHE A 16 -2.76 15.68 1.27
CA PHE A 16 -3.27 14.57 2.07
C PHE A 16 -4.59 14.00 1.52
N GLY A 17 -5.54 14.89 1.26
CA GLY A 17 -6.89 14.49 0.82
C GLY A 17 -6.89 13.55 -0.37
N TYR A 18 -6.07 13.87 -1.37
CA TYR A 18 -5.97 13.04 -2.58
C TYR A 18 -5.40 11.66 -2.27
N ILE A 19 -4.33 11.63 -1.49
CA ILE A 19 -3.68 10.36 -1.17
C ILE A 19 -4.57 9.49 -0.26
N TYR A 20 -5.26 10.14 0.67
CA TYR A 20 -6.22 9.45 1.54
C TYR A 20 -7.32 8.77 0.73
N ARG A 21 -7.83 9.47 -0.27
CA ARG A 21 -8.85 8.92 -1.17
CA ARG A 21 -8.86 8.92 -1.16
C ARG A 21 -8.33 7.68 -1.88
N LEU A 22 -7.09 7.75 -2.39
CA LEU A 22 -6.47 6.59 -3.05
C LEU A 22 -6.34 5.40 -2.11
N ALA A 23 -5.86 5.65 -0.90
CA ALA A 23 -5.70 4.61 0.09
C ALA A 23 -7.06 4.00 0.48
N GLN A 24 -8.08 4.84 0.62
CA GLN A 24 -9.41 4.38 1.01
C GLN A 24 -10.10 3.63 -0.13
N ASP A 25 -9.92 4.13 -1.35
CA ASP A 25 -10.38 3.43 -2.55
C ASP A 25 -9.81 2.02 -2.59
N TYR A 26 -8.51 1.87 -2.35
CA TYR A 26 -7.90 0.56 -2.43
C TYR A 26 -8.43 -0.41 -1.34
N LEU A 27 -8.61 0.07 -0.11
CA LEU A 27 -9.16 -0.78 0.94
C LEU A 27 -10.60 -1.20 0.67
N GLN A 28 -11.40 -0.31 0.09
CA GLN A 28 -12.77 -0.67 -0.30
C GLN A 28 -12.77 -1.71 -1.43
N CYS A 29 -11.79 -1.62 -2.33
CA CYS A 29 -11.58 -2.62 -3.38
C CYS A 29 -11.32 -4.00 -2.76
N VAL A 30 -10.32 -4.07 -1.88
CA VAL A 30 -9.96 -5.32 -1.20
C VAL A 30 -11.15 -5.89 -0.41
N LEU A 31 -11.85 -5.02 0.32
CA LEU A 31 -13.00 -5.44 1.14
C LEU A 31 -14.29 -5.68 0.36
N GLN A 32 -14.27 -5.42 -0.94
CA GLN A 32 -15.44 -5.55 -1.82
C GLN A 32 -16.62 -4.70 -1.34
N ILE A 33 -16.34 -3.45 -0.96
CA ILE A 33 -17.37 -2.48 -0.58
C ILE A 33 -17.14 -1.12 -1.26
N PRO A 34 -17.19 -1.09 -2.61
CA PRO A 34 -16.99 0.17 -3.33
C PRO A 34 -18.10 1.21 -3.05
N GLN A 35 -17.73 2.48 -3.08
CA GLN A 35 -18.68 3.59 -2.90
C GLN A 35 -19.51 3.80 -4.18
N PRO A 36 -20.85 3.61 -4.10
CA PRO A 36 -21.67 3.79 -5.30
C PRO A 36 -21.84 5.27 -5.69
N GLY A 37 -21.43 5.62 -6.91
CA GLY A 37 -21.52 6.99 -7.39
C GLY A 37 -20.38 7.86 -6.85
N SER A 38 -19.54 8.44 -7.71
CA SER A 38 -19.56 8.28 -9.17
C SER A 38 -18.40 7.40 -9.67
N GLY A 39 -17.83 6.59 -8.79
CA GLY A 39 -16.73 5.68 -9.15
C GLY A 39 -15.35 6.26 -8.90
N PRO A 40 -14.33 5.38 -8.84
CA PRO A 40 -12.97 5.86 -8.60
C PRO A 40 -12.36 6.58 -9.81
N SER A 41 -11.36 7.39 -9.55
CA SER A 41 -10.64 8.13 -10.59
C SER A 41 -9.85 7.19 -11.49
N LYS A 42 -9.39 7.72 -12.62
CA LYS A 42 -8.48 6.99 -13.50
C LYS A 42 -7.29 6.48 -12.72
N THR A 43 -6.70 7.33 -11.89
CA THR A 43 -5.54 6.96 -11.07
C THR A 43 -5.87 5.77 -10.19
N SER A 44 -6.98 5.87 -9.47
CA SER A 44 -7.38 4.83 -8.55
C SER A 44 -7.61 3.51 -9.30
N ARG A 45 -8.28 3.57 -10.45
CA ARG A 45 -8.54 2.36 -11.26
C ARG A 45 -7.24 1.68 -11.71
N VAL A 46 -6.25 2.46 -12.13
CA VAL A 46 -4.95 1.91 -12.51
C VAL A 46 -4.24 1.33 -11.28
N LEU A 47 -4.28 2.06 -10.17
CA LEU A 47 -3.64 1.64 -8.93
C LEU A 47 -4.21 0.31 -8.39
N GLN A 48 -5.54 0.18 -8.43
CA GLN A 48 -6.19 -1.01 -7.87
C GLN A 48 -5.67 -2.29 -8.53
N ASN A 49 -5.52 -2.23 -9.84
CA ASN A 49 -5.03 -3.34 -10.64
C ASN A 49 -3.59 -3.77 -10.33
N VAL A 50 -2.66 -2.82 -10.33
CA VAL A 50 -1.24 -3.11 -10.08
CA VAL A 50 -1.24 -3.15 -10.09
C VAL A 50 -0.98 -3.49 -8.62
N ALA A 51 -1.61 -2.76 -7.70
CA ALA A 51 -1.44 -3.03 -6.27
C ALA A 51 -1.99 -4.42 -5.89
N PHE A 52 -3.13 -4.82 -6.46
CA PHE A 52 -3.69 -6.13 -6.14
C PHE A 52 -2.79 -7.25 -6.65
N SER A 53 -2.21 -7.07 -7.83
CA SER A 53 -1.26 -8.02 -8.40
C SER A 53 -0.07 -8.22 -7.45
N VAL A 54 0.45 -7.12 -6.90
CA VAL A 54 1.56 -7.18 -5.94
C VAL A 54 1.13 -7.84 -4.65
N GLN A 55 -0.05 -7.45 -4.15
CA GLN A 55 -0.60 -8.01 -2.91
C GLN A 55 -0.68 -9.54 -2.96
N LYS A 56 -1.27 -10.08 -4.02
CA LYS A 56 -1.36 -11.53 -4.20
C LYS A 56 0.01 -12.21 -4.14
N GLU A 57 0.96 -11.64 -4.86
CA GLU A 57 2.33 -12.17 -4.90
C GLU A 57 2.93 -12.20 -3.51
N VAL A 58 2.75 -11.11 -2.75
CA VAL A 58 3.32 -10.99 -1.41
C VAL A 58 2.65 -11.95 -0.42
N GLU A 59 1.33 -12.04 -0.46
CA GLU A 59 0.59 -12.96 0.41
C GLU A 59 1.02 -14.41 0.23
N LYS A 60 1.26 -14.80 -1.02
CA LYS A 60 1.77 -16.13 -1.34
C LYS A 60 3.18 -16.31 -0.79
N ASN A 61 4.07 -15.38 -1.15
CA ASN A 61 5.50 -15.52 -0.86
C ASN A 61 5.92 -15.26 0.61
N LEU A 62 5.03 -14.66 1.40
CA LEU A 62 5.30 -14.42 2.83
C LEU A 62 4.23 -15.04 3.74
N LYS A 63 3.61 -16.13 3.30
CA LYS A 63 2.46 -16.71 4.00
C LYS A 63 2.75 -17.05 5.47
N SER A 64 3.70 -17.95 5.71
CA SER A 64 4.04 -18.37 7.07
C SER A 64 4.52 -17.21 7.93
N CYS A 65 5.31 -16.32 7.34
CA CYS A 65 5.78 -15.11 8.02
C CYS A 65 4.61 -14.24 8.48
N LEU A 66 3.66 -14.01 7.58
CA LEU A 66 2.47 -13.22 7.89
C LEU A 66 1.52 -13.91 8.89
N ASP A 67 1.52 -15.24 8.88
CA ASP A 67 0.74 -16.02 9.86
C ASP A 67 1.26 -15.85 11.30
N ASN A 68 2.54 -15.52 11.45
CA ASN A 68 3.16 -15.38 12.78
C ASN A 68 3.13 -13.95 13.35
N VAL A 69 2.22 -13.13 12.84
CA VAL A 69 1.94 -11.82 13.45
C VAL A 69 0.44 -11.64 13.57
N ASN A 70 -0.01 -11.09 14.69
CA ASN A 70 -1.42 -10.94 14.99
C ASN A 70 -1.83 -9.49 14.93
N VAL A 71 -2.67 -9.15 13.95
CA VAL A 71 -3.15 -7.78 13.79
C VAL A 71 -4.48 -7.68 14.51
N VAL A 72 -4.40 -7.44 15.82
CA VAL A 72 -5.55 -7.52 16.72
C VAL A 72 -6.23 -6.18 16.96
N SER A 73 -5.61 -5.10 16.50
CA SER A 73 -6.15 -3.76 16.67
C SER A 73 -5.58 -2.79 15.63
N VAL A 74 -6.21 -1.65 15.50
CA VAL A 74 -5.73 -0.60 14.60
C VAL A 74 -4.34 -0.12 15.01
N ASP A 75 -4.09 -0.08 16.32
CA ASP A 75 -2.76 0.29 16.82
C ASP A 75 -1.70 -0.74 16.47
N THR A 76 -2.08 -2.01 16.51
CA THR A 76 -1.20 -3.09 16.05
C THR A 76 -0.89 -2.93 14.56
N ALA A 77 -1.92 -2.63 13.77
CA ALA A 77 -1.76 -2.41 12.34
C ALA A 77 -0.89 -1.18 12.06
N ARG A 78 -1.15 -0.09 12.78
CA ARG A 78 -0.40 1.16 12.62
C ARG A 78 1.08 0.95 12.91
N THR A 79 1.39 0.28 14.03
CA THR A 79 2.79 0.08 14.44
C THR A 79 3.52 -0.87 13.50
N LEU A 80 2.87 -1.97 13.13
CA LEU A 80 3.42 -2.90 12.15
C LEU A 80 3.64 -2.22 10.80
N PHE A 81 2.69 -1.41 10.36
CA PHE A 81 2.83 -0.66 9.12
C PHE A 81 4.03 0.26 9.20
N ASN A 82 4.08 1.09 10.24
CA ASN A 82 5.15 2.09 10.35
C ASN A 82 6.53 1.46 10.44
N GLN A 83 6.65 0.38 11.21
CA GLN A 83 7.92 -0.35 11.34
C GLN A 83 8.37 -0.96 10.00
N VAL A 84 7.44 -1.60 9.30
CA VAL A 84 7.73 -2.20 7.98
C VAL A 84 8.10 -1.12 6.97
N MET A 85 7.34 -0.03 6.96
CA MET A 85 7.61 1.08 6.04
C MET A 85 8.98 1.70 6.29
N GLU A 86 9.32 1.93 7.56
CA GLU A 86 10.62 2.48 7.91
C GLU A 86 11.75 1.62 7.33
N LYS A 87 11.66 0.30 7.56
CA LYS A 87 12.67 -0.63 7.07
C LYS A 87 12.69 -0.75 5.54
N GLU A 88 11.53 -0.70 4.90
CA GLU A 88 11.48 -0.79 3.45
C GLU A 88 12.19 0.39 2.77
N PHE A 89 11.99 1.60 3.29
CA PHE A 89 12.49 2.81 2.66
C PHE A 89 13.76 3.37 3.31
N GLU A 90 14.36 2.62 4.23
CA GLU A 90 15.54 3.10 4.97
C GLU A 90 16.77 3.40 4.11
N ASP A 91 16.86 2.78 2.93
CA ASP A 91 17.99 3.02 2.03
C ASP A 91 17.87 4.33 1.24
N GLY A 92 16.75 5.03 1.40
CA GLY A 92 16.55 6.33 0.77
C GLY A 92 16.06 6.28 -0.67
N ILE A 93 15.87 5.06 -1.20
CA ILE A 93 15.37 4.89 -2.56
C ILE A 93 13.84 4.97 -2.55
N ILE A 94 13.29 5.78 -3.46
CA ILE A 94 11.86 5.84 -3.70
C ILE A 94 11.67 5.58 -5.19
N ASN A 95 10.69 4.76 -5.52
CA ASN A 95 10.26 4.59 -6.91
C ASN A 95 8.81 4.18 -6.94
N TRP A 96 8.19 4.21 -8.12
CA TRP A 96 6.76 3.96 -8.21
C TRP A 96 6.41 2.54 -7.77
N GLY A 97 7.28 1.57 -8.05
CA GLY A 97 7.03 0.19 -7.62
C GLY A 97 6.95 0.06 -6.11
N ARG A 98 7.84 0.77 -5.40
CA ARG A 98 7.81 0.79 -3.94
C ARG A 98 6.55 1.47 -3.42
N ILE A 99 6.12 2.53 -4.10
CA ILE A 99 4.88 3.21 -3.74
C ILE A 99 3.70 2.23 -3.83
N VAL A 100 3.66 1.44 -4.90
CA VAL A 100 2.61 0.42 -5.06
C VAL A 100 2.58 -0.58 -3.90
N THR A 101 3.76 -0.99 -3.41
CA THR A 101 3.84 -1.96 -2.32
C THR A 101 3.25 -1.46 -1.00
N ILE A 102 3.23 -0.15 -0.84
CA ILE A 102 2.60 0.50 0.31
C ILE A 102 1.09 0.17 0.30
N PHE A 103 0.47 0.32 -0.87
CA PHE A 103 -0.95 0.01 -1.01
C PHE A 103 -1.22 -1.48 -0.86
N ALA A 104 -0.38 -2.30 -1.49
CA ALA A 104 -0.45 -3.76 -1.34
C ALA A 104 -0.40 -4.18 0.14
N PHE A 105 0.51 -3.58 0.90
CA PHE A 105 0.63 -3.91 2.33
C PHE A 105 -0.56 -3.46 3.18
N GLU A 106 -1.14 -2.29 2.91
CA GLU A 106 -2.36 -1.92 3.66
C GLU A 106 -3.51 -2.88 3.35
N GLY A 107 -3.55 -3.43 2.13
CA GLY A 107 -4.51 -4.47 1.78
C GLY A 107 -4.32 -5.74 2.58
N ILE A 108 -3.07 -6.14 2.77
CA ILE A 108 -2.72 -7.30 3.58
C ILE A 108 -3.13 -7.05 5.04
N LEU A 109 -2.82 -5.86 5.55
CA LEU A 109 -3.19 -5.48 6.92
C LEU A 109 -4.69 -5.45 7.19
N ILE A 110 -5.48 -4.87 6.28
CA ILE A 110 -6.92 -4.83 6.51
C ILE A 110 -7.53 -6.24 6.52
N LYS A 111 -7.03 -7.13 5.66
CA LYS A 111 -7.50 -8.52 5.64
C LYS A 111 -7.19 -9.24 6.95
N LYS A 112 -5.97 -9.07 7.46
CA LYS A 112 -5.60 -9.63 8.76
C LYS A 112 -6.44 -9.02 9.89
N LEU A 113 -6.66 -7.71 9.83
CA LEU A 113 -7.48 -7.03 10.82
C LEU A 113 -8.91 -7.55 10.83
N LEU A 114 -9.49 -7.78 9.65
CA LEU A 114 -10.85 -8.30 9.55
C LEU A 114 -10.94 -9.67 10.24
N ARG A 115 -9.91 -10.50 10.04
CA ARG A 115 -9.88 -11.83 10.65
C ARG A 115 -9.59 -11.79 12.15
N GLN A 116 -8.64 -10.93 12.56
CA GLN A 116 -8.04 -11.04 13.88
C GLN A 116 -8.37 -9.91 14.87
N GLN A 117 -9.05 -8.87 14.44
CA GLN A 117 -9.32 -7.74 15.32
C GLN A 117 -10.20 -8.17 16.49
N ILE A 118 -9.75 -7.89 17.71
CA ILE A 118 -10.44 -8.37 18.91
C ILE A 118 -11.84 -7.80 19.00
N ALA A 119 -11.95 -6.48 18.87
CA ALA A 119 -13.24 -5.81 18.82
C ALA A 119 -13.44 -5.30 17.40
N PRO A 120 -14.11 -6.10 16.54
CA PRO A 120 -14.28 -5.67 15.16
C PRO A 120 -15.11 -4.40 15.06
N ASP A 121 -14.53 -3.38 14.45
CA ASP A 121 -15.20 -2.11 14.20
C ASP A 121 -15.21 -1.87 12.70
N VAL A 122 -16.33 -1.38 12.18
CA VAL A 122 -16.51 -1.24 10.73
C VAL A 122 -15.81 -0.03 10.09
N ASP A 123 -15.44 0.98 10.89
CA ASP A 123 -14.75 2.16 10.37
C ASP A 123 -13.22 2.03 10.40
N THR A 124 -12.71 0.83 10.66
CA THR A 124 -11.26 0.63 10.82
C THR A 124 -10.46 0.89 9.55
N TYR A 125 -10.99 0.50 8.39
CA TYR A 125 -10.28 0.72 7.13
C TYR A 125 -10.03 2.21 6.87
N LYS A 126 -10.93 3.07 7.36
CA LYS A 126 -10.73 4.51 7.29
C LYS A 126 -9.53 4.94 8.13
N GLU A 127 -9.35 4.31 9.29
CA GLU A 127 -8.21 4.59 10.16
C GLU A 127 -6.90 4.09 9.51
N ILE A 128 -6.95 2.92 8.87
CA ILE A 128 -5.78 2.37 8.18
C ILE A 128 -5.40 3.27 7.01
N SER A 129 -6.40 3.69 6.24
CA SER A 129 -6.21 4.60 5.11
C SER A 129 -5.52 5.89 5.56
N TYR A 130 -5.90 6.37 6.75
CA TYR A 130 -5.36 7.61 7.28
C TYR A 130 -3.85 7.52 7.48
N PHE A 131 -3.39 6.51 8.21
CA PHE A 131 -1.97 6.42 8.51
C PHE A 131 -1.13 6.01 7.30
N VAL A 132 -1.75 5.35 6.33
CA VAL A 132 -1.10 5.11 5.04
C VAL A 132 -0.86 6.42 4.29
N ALA A 133 -1.88 7.28 4.21
CA ALA A 133 -1.73 8.57 3.56
C ALA A 133 -0.71 9.47 4.29
N GLU A 134 -0.72 9.41 5.63
CA GLU A 134 0.26 10.12 6.46
C GLU A 134 1.70 9.73 6.08
N PHE A 135 1.96 8.42 6.00
CA PHE A 135 3.29 7.95 5.62
C PHE A 135 3.67 8.36 4.20
N ILE A 136 2.76 8.15 3.25
CA ILE A 136 3.02 8.46 1.85
C ILE A 136 3.31 9.95 1.67
N MET A 137 2.50 10.79 2.31
CA MET A 137 2.64 12.23 2.15
C MET A 137 3.95 12.72 2.78
N ASN A 138 4.22 12.29 4.00
CA ASN A 138 5.38 12.80 4.73
C ASN A 138 6.72 12.23 4.25
N ASN A 139 6.70 11.02 3.71
CA ASN A 139 7.93 10.33 3.35
C ASN A 139 8.21 10.23 1.85
N THR A 140 7.17 10.24 1.02
CA THR A 140 7.36 10.15 -0.43
C THR A 140 6.74 11.30 -1.22
N GLY A 141 6.09 12.24 -0.53
CA GLY A 141 5.32 13.30 -1.18
C GLY A 141 6.14 14.23 -2.07
N GLU A 142 7.35 14.56 -1.63
CA GLU A 142 8.23 15.42 -2.41
C GLU A 142 8.71 14.69 -3.67
N TRP A 143 9.13 13.44 -3.52
CA TRP A 143 9.52 12.59 -4.66
C TRP A 143 8.38 12.48 -5.67
N ILE A 144 7.16 12.21 -5.19
CA ILE A 144 6.00 12.05 -6.06
C ILE A 144 5.80 13.31 -6.91
N ARG A 145 5.80 14.47 -6.27
CA ARG A 145 5.68 15.74 -6.95
C ARG A 145 6.76 15.88 -8.01
N GLN A 146 8.02 15.67 -7.61
CA GLN A 146 9.16 15.80 -8.51
C GLN A 146 9.15 14.84 -9.69
N ASN A 147 8.41 13.75 -9.58
CA ASN A 147 8.30 12.76 -10.66
C ASN A 147 6.93 12.71 -11.34
N GLY A 148 6.20 13.83 -11.31
CA GLY A 148 5.00 13.98 -12.13
C GLY A 148 3.67 13.79 -11.43
N GLY A 149 3.70 13.53 -10.13
CA GLY A 149 2.48 13.29 -9.37
C GLY A 149 1.78 12.00 -9.77
N TRP A 150 0.52 11.87 -9.40
CA TRP A 150 -0.25 10.66 -9.72
C TRP A 150 -0.63 10.61 -11.20
N GLU A 151 -1.08 11.73 -11.75
CA GLU A 151 -1.56 11.73 -13.13
C GLU A 151 -0.44 11.71 -14.18
N ASN A 152 0.62 12.49 -13.98
CA ASN A 152 1.73 12.57 -14.95
C ASN A 152 2.95 11.71 -14.60
N GLY A 153 2.90 11.01 -13.47
CA GLY A 153 3.96 10.10 -13.08
C GLY A 153 3.43 8.69 -12.97
N PHE A 154 2.70 8.43 -11.90
CA PHE A 154 2.21 7.08 -11.63
C PHE A 154 1.37 6.50 -12.77
N VAL A 155 0.37 7.25 -13.21
CA VAL A 155 -0.55 6.76 -14.24
C VAL A 155 0.18 6.57 -15.57
N LYS A 156 1.07 7.49 -15.89
CA LYS A 156 1.83 7.38 -17.14
C LYS A 156 2.67 6.11 -17.14
N LYS A 157 3.25 5.77 -16.01
CA LYS A 157 4.06 4.55 -15.91
C LYS A 157 3.19 3.29 -15.99
N PHE A 158 2.10 3.25 -15.22
CA PHE A 158 1.39 1.99 -14.99
C PHE A 158 0.11 1.76 -15.80
N GLU A 159 -0.37 2.77 -16.51
CA GLU A 159 -1.59 2.61 -17.29
C GLU A 159 -1.36 1.59 -18.40
N PRO A 160 -2.44 0.95 -18.86
CA PRO A 160 -2.29 -0.05 -19.91
C PRO A 160 -1.58 0.46 -21.16
N LYS A 161 -0.96 -0.47 -21.86
CA LYS A 161 -0.23 -0.14 -23.07
C LYS A 161 -1.23 0.17 -24.18
N GLN B 1 15.93 -15.39 16.59
CA GLN B 1 14.69 -15.80 15.86
C GLN B 1 14.48 -14.99 14.57
N GLU B 2 13.57 -15.46 13.73
CA GLU B 2 13.27 -14.84 12.43
C GLU B 2 12.57 -13.48 12.61
N ASP B 3 13.22 -12.41 12.13
CA ASP B 3 12.69 -11.04 12.28
C ASP B 3 11.59 -10.76 11.26
N ILE B 4 10.34 -10.80 11.71
CA ILE B 4 9.18 -10.65 10.84
C ILE B 4 9.18 -9.30 10.11
N ILE B 5 9.40 -8.24 10.87
CA ILE B 5 9.38 -6.88 10.32
C ILE B 5 10.35 -6.71 9.16
N ARG B 6 11.60 -7.11 9.38
CA ARG B 6 12.65 -6.96 8.36
C ARG B 6 12.41 -7.86 7.15
N ASN B 7 11.88 -9.05 7.38
CA ASN B 7 11.60 -9.98 6.28
CA ASN B 7 11.57 -10.00 6.31
C ASN B 7 10.50 -9.46 5.37
N ILE B 8 9.46 -8.86 5.95
CA ILE B 8 8.38 -8.26 5.16
C ILE B 8 8.91 -7.03 4.40
N ALA B 9 9.59 -6.14 5.12
CA ALA B 9 10.16 -4.92 4.51
C ALA B 9 11.12 -5.25 3.37
N ARG B 10 11.97 -6.26 3.59
CA ARG B 10 12.95 -6.68 2.58
C ARG B 10 12.28 -7.18 1.31
N HIS B 11 11.18 -7.93 1.47
CA HIS B 11 10.44 -8.48 0.35
C HIS B 11 9.70 -7.41 -0.45
N LEU B 12 9.07 -6.47 0.25
CA LEU B 12 8.33 -5.39 -0.41
C LEU B 12 9.27 -4.51 -1.22
N ALA B 13 10.42 -4.15 -0.64
CA ALA B 13 11.44 -3.38 -1.37
C ALA B 13 11.87 -4.10 -2.64
N GLN B 14 12.15 -5.39 -2.53
CA GLN B 14 12.56 -6.22 -3.68
C GLN B 14 11.48 -6.28 -4.76
N VAL B 15 10.24 -6.52 -4.36
CA VAL B 15 9.10 -6.61 -5.29
C VAL B 15 8.82 -5.25 -5.94
N GLY B 16 8.93 -4.19 -5.14
CA GLY B 16 8.75 -2.83 -5.64
C GLY B 16 9.82 -2.46 -6.66
N ASP B 17 11.08 -2.72 -6.30
CA ASP B 17 12.19 -2.46 -7.21
C ASP B 17 12.11 -3.32 -8.46
N SER B 18 11.65 -4.57 -8.32
CA SER B 18 11.52 -5.50 -9.45
C SER B 18 10.45 -5.04 -10.45
N MET B 19 9.27 -4.71 -9.93
CA MET B 19 8.16 -4.25 -10.76
C MET B 19 8.47 -2.92 -11.44
N ASP B 20 9.12 -2.02 -10.70
CA ASP B 20 9.51 -0.73 -11.25
C ASP B 20 10.38 -0.89 -12.51
N ARG B 21 11.35 -1.79 -12.43
CA ARG B 21 12.22 -2.10 -13.57
C ARG B 21 11.48 -2.80 -14.71
N SER B 22 10.44 -3.57 -14.38
CA SER B 22 9.67 -4.33 -15.37
C SER B 22 8.97 -3.44 -16.39
N ILE B 23 8.35 -2.36 -15.92
CA ILE B 23 7.68 -1.39 -16.80
C ILE B 23 8.72 -0.40 -17.32
N PRO B 24 8.94 -0.33 -18.65
CA PRO B 24 9.91 0.64 -19.15
C PRO B 24 9.41 2.07 -19.07
N PRO B 25 10.29 3.06 -19.32
CA PRO B 25 9.89 4.47 -19.34
C PRO B 25 8.78 4.76 -20.34
N GLY B 26 7.56 4.93 -19.84
CA GLY B 26 6.39 5.20 -20.68
C GLY B 26 5.33 6.01 -19.95
#